data_7Q1V
#
_entry.id   7Q1V
#
_cell.length_a   1.00
_cell.length_b   1.00
_cell.length_c   1.00
_cell.angle_alpha   90.00
_cell.angle_beta   90.00
_cell.angle_gamma   90.00
#
_symmetry.space_group_name_H-M   'P 1'
#
_entity_poly.entity_id   1
_entity_poly.type   'polypeptide(L)'
_entity_poly.pdbx_seq_one_letter_code
;MSKKQPKPVKAEQLKSYYEESRGLERDLIGEFVKSRKTAWRVATASGLFGLLGMVCGIVGFSQPAPAPLVLRVDNATGAV
DVVTTLREHESSYGEVVDTYWLNQYVLNREAYDYNTIQMNYDTTALLSAPAVQQDYYKLFDGSNARDRVLGNKARITVRV
RSIQPNGRGQATVRFTTQQHNSNGTVEAPQHQIATIGYTYIGAPMRSSDRLLNPLGFQVTSYRADPEILNN
;
_entity_poly.pdbx_strand_id   D,E,F
#
# COMPACT_ATOMS: atom_id res chain seq x y z
N GLU A 95 26.53 -4.63 10.21
CA GLU A 95 26.38 -4.07 8.86
C GLU A 95 24.92 -3.95 8.39
N VAL A 96 24.08 -4.91 8.73
CA VAL A 96 22.70 -4.84 8.28
C VAL A 96 21.95 -3.65 8.87
N VAL A 97 22.08 -3.49 10.18
CA VAL A 97 21.39 -2.40 10.85
C VAL A 97 22.00 -1.05 10.48
N ASP A 98 23.34 -0.94 10.49
CA ASP A 98 23.93 0.36 10.19
C ASP A 98 23.63 0.80 8.77
N THR A 99 23.65 -0.12 7.79
CA THR A 99 23.40 0.27 6.41
C THR A 99 21.98 0.77 6.26
N TYR A 100 21.02 0.18 6.98
CA TYR A 100 19.67 0.73 6.96
C TYR A 100 19.63 2.17 7.39
N TRP A 101 20.24 2.47 8.54
CA TRP A 101 20.16 3.84 9.02
C TRP A 101 20.86 4.83 8.11
N LEU A 102 21.99 4.42 7.55
CA LEU A 102 22.77 5.23 6.65
C LEU A 102 21.94 5.52 5.38
N ASN A 103 21.23 4.50 4.88
CA ASN A 103 20.33 4.66 3.73
C ASN A 103 19.21 5.63 4.02
N GLN A 104 18.50 5.39 5.13
CA GLN A 104 17.36 6.21 5.42
C GLN A 104 17.81 7.66 5.65
N TYR A 105 18.98 7.84 6.29
CA TYR A 105 19.50 9.16 6.55
C TYR A 105 19.76 9.89 5.24
N VAL A 106 20.53 9.27 4.33
CA VAL A 106 20.87 9.92 3.07
C VAL A 106 19.66 10.19 2.23
N LEU A 107 18.78 9.21 2.10
CA LEU A 107 17.63 9.40 1.27
C LEU A 107 16.81 10.57 1.77
N ASN A 108 16.47 10.59 3.06
CA ASN A 108 15.63 11.66 3.59
C ASN A 108 16.33 13.01 3.57
N ARG A 109 17.64 13.04 3.89
CA ARG A 109 18.41 14.26 3.92
C ARG A 109 18.51 14.93 2.55
N GLU A 110 18.89 14.13 1.54
CA GLU A 110 19.15 14.62 0.19
C GLU A 110 17.87 14.86 -0.63
N ALA A 111 16.81 14.07 -0.37
CA ALA A 111 15.54 14.15 -1.10
C ALA A 111 14.73 15.38 -0.71
N TYR A 112 13.75 15.72 -1.56
CA TYR A 112 12.86 16.83 -1.27
C TYR A 112 11.51 16.75 -1.97
N ASP A 113 10.46 16.96 -1.20
CA ASP A 113 9.11 17.06 -1.70
C ASP A 113 8.31 17.90 -0.74
N TYR A 114 7.82 19.02 -1.22
CA TYR A 114 7.05 19.99 -0.46
C TYR A 114 6.03 19.30 0.45
N ASN A 115 5.42 18.24 -0.07
CA ASN A 115 4.37 17.49 0.57
C ASN A 115 4.79 16.56 1.71
N THR A 116 6.05 16.08 1.72
CA THR A 116 6.49 15.12 2.74
C THR A 116 7.71 15.60 3.54
N ILE A 117 8.36 16.67 3.07
CA ILE A 117 9.60 17.19 3.67
C ILE A 117 9.49 17.45 5.14
N GLN A 118 8.35 17.85 5.68
CA GLN A 118 8.38 18.08 7.12
C GLN A 118 8.82 16.83 7.89
N MET A 119 8.42 15.63 7.42
CA MET A 119 8.81 14.43 8.13
C MET A 119 10.26 14.10 7.85
N ASN A 120 10.70 14.30 6.61
CA ASN A 120 12.08 13.96 6.27
C ASN A 120 13.04 14.89 6.99
N TYR A 121 12.63 16.16 7.12
CA TYR A 121 13.37 17.23 7.76
C TYR A 121 13.58 16.92 9.24
N ASP A 122 12.47 16.62 9.94
CA ASP A 122 12.53 16.29 11.36
C ASP A 122 13.25 14.98 11.58
N THR A 123 13.07 14.00 10.68
CA THR A 123 13.75 12.72 10.79
C THR A 123 15.24 12.94 10.64
N THR A 124 15.65 13.72 9.65
CA THR A 124 17.07 13.96 9.46
C THR A 124 17.62 14.54 10.74
N ALA A 125 16.96 15.56 11.29
CA ALA A 125 17.46 16.16 12.53
C ALA A 125 17.53 15.12 13.67
N LEU A 126 16.53 14.26 13.76
CA LEU A 126 16.47 13.21 14.76
C LEU A 126 17.62 12.21 14.67
N LEU A 127 18.19 12.07 13.46
CA LEU A 127 19.26 11.15 13.20
C LEU A 127 20.58 11.92 13.02
N SER A 128 20.66 13.16 13.52
CA SER A 128 21.85 14.01 13.39
C SER A 128 22.32 14.64 14.72
N ALA A 129 23.65 14.70 14.89
CA ALA A 129 24.28 15.41 15.99
C ALA A 129 23.96 16.88 15.79
N PRO A 130 23.79 17.73 16.82
CA PRO A 130 23.51 19.15 16.68
C PRO A 130 24.36 19.86 15.62
N ALA A 131 25.66 19.54 15.53
CA ALA A 131 26.50 20.15 14.50
C ALA A 131 25.97 19.87 13.09
N VAL A 132 25.55 18.62 12.90
CA VAL A 132 25.05 18.09 11.64
C VAL A 132 23.67 18.67 11.40
N GLN A 133 22.85 18.73 12.47
CA GLN A 133 21.50 19.26 12.35
C GLN A 133 21.54 20.68 11.83
N GLN A 134 22.47 21.48 12.36
CA GLN A 134 22.62 22.86 11.93
C GLN A 134 23.02 22.96 10.48
N ASP A 135 23.97 22.11 10.04
CA ASP A 135 24.38 22.14 8.65
C ASP A 135 23.18 21.88 7.75
N TYR A 136 22.37 20.89 8.15
CA TYR A 136 21.16 20.54 7.44
C TYR A 136 20.12 21.67 7.43
N TYR A 137 19.84 22.25 8.60
CA TYR A 137 18.82 23.30 8.73
C TYR A 137 19.13 24.46 7.80
N LYS A 138 20.42 24.81 7.72
CA LYS A 138 20.92 25.91 6.89
C LYS A 138 20.61 25.74 5.41
N LEU A 139 20.32 24.53 4.95
CA LEU A 139 20.06 24.28 3.53
C LEU A 139 18.69 24.81 3.16
N PHE A 140 17.89 25.15 4.15
CA PHE A 140 16.56 25.64 3.96
C PHE A 140 16.52 27.14 4.30
N ASP A 141 17.69 27.75 4.47
CA ASP A 141 17.74 29.17 4.80
C ASP A 141 18.19 30.06 3.64
N GLY A 142 17.84 31.33 3.73
CA GLY A 142 18.25 32.34 2.76
C GLY A 142 17.51 32.27 1.42
N SER A 143 17.92 33.11 0.48
CA SER A 143 17.27 33.19 -0.83
C SER A 143 17.47 31.95 -1.70
N ASN A 144 18.48 31.15 -1.36
CA ASN A 144 18.83 29.94 -2.09
C ASN A 144 18.35 28.69 -1.37
N ALA A 145 17.45 28.89 -0.41
CA ALA A 145 16.87 27.82 0.38
C ALA A 145 16.21 26.79 -0.47
N ARG A 146 16.31 25.52 -0.08
CA ARG A 146 15.64 24.45 -0.84
C ARG A 146 14.14 24.75 -0.93
N ASP A 147 13.58 25.32 0.14
CA ASP A 147 12.19 25.73 0.26
C ASP A 147 11.77 26.81 -0.77
N ARG A 148 12.73 27.55 -1.31
CA ARG A 148 12.46 28.61 -2.28
C ARG A 148 12.87 28.20 -3.70
N VAL A 149 13.95 27.42 -3.80
CA VAL A 149 14.50 26.95 -5.06
C VAL A 149 13.63 25.85 -5.67
N LEU A 150 13.30 24.87 -4.84
CA LEU A 150 12.44 23.78 -5.26
C LEU A 150 11.01 24.15 -4.91
N GLY A 151 10.81 24.61 -3.67
CA GLY A 151 9.47 25.05 -3.25
C GLY A 151 8.46 23.99 -3.61
N ASN A 152 7.42 24.40 -4.34
CA ASN A 152 6.39 23.47 -4.78
C ASN A 152 6.35 23.48 -6.31
N LYS A 153 7.51 23.76 -6.93
CA LYS A 153 7.68 23.79 -8.37
C LYS A 153 8.51 22.61 -8.87
N ALA A 154 9.46 22.17 -8.03
CA ALA A 154 10.34 21.06 -8.37
C ALA A 154 10.58 20.19 -7.14
N ARG A 155 10.90 18.92 -7.42
CA ARG A 155 11.14 17.92 -6.38
C ARG A 155 12.38 17.06 -6.64
N ILE A 156 12.97 16.56 -5.55
CA ILE A 156 14.14 15.68 -5.66
C ILE A 156 13.88 14.25 -5.19
N THR A 157 14.21 13.31 -6.07
CA THR A 157 14.08 11.88 -5.80
C THR A 157 15.45 11.29 -5.54
N VAL A 158 15.60 10.59 -4.41
CA VAL A 158 16.88 9.97 -4.03
C VAL A 158 16.73 8.50 -3.74
N ARG A 159 17.69 7.72 -4.25
CA ARG A 159 17.74 6.28 -4.05
C ARG A 159 19.18 5.84 -3.79
N VAL A 160 19.37 4.94 -2.83
CA VAL A 160 20.68 4.42 -2.50
C VAL A 160 20.94 3.09 -3.19
N ARG A 161 22.09 2.98 -3.84
CA ARG A 161 22.46 1.78 -4.58
C ARG A 161 23.19 0.77 -3.70
N SER A 162 24.12 1.27 -2.88
CA SER A 162 24.93 0.40 -2.04
C SER A 162 25.62 1.11 -0.87
N ILE A 163 25.63 0.47 0.30
CA ILE A 163 26.35 1.01 1.45
C ILE A 163 27.31 -0.02 2.00
N GLN A 164 28.56 0.40 2.17
CA GLN A 164 29.57 -0.47 2.75
C GLN A 164 30.34 0.22 3.90
N PRO A 165 30.14 -0.23 5.16
CA PRO A 165 30.85 0.24 6.35
C PRO A 165 32.35 0.04 6.18
N ASN A 166 33.14 0.97 6.71
CA ASN A 166 34.58 0.90 6.57
C ASN A 166 35.27 1.38 7.84
N GLY A 167 35.17 0.60 8.90
CA GLY A 167 35.71 1.01 10.19
C GLY A 167 34.61 1.17 11.22
N ARG A 168 34.93 1.87 12.31
CA ARG A 168 34.69 2.44 13.62
C ARG A 168 33.83 3.69 13.53
N GLY A 169 32.53 3.51 13.30
CA GLY A 169 31.62 4.66 13.13
C GLY A 169 31.72 5.32 11.76
N GLN A 170 32.09 4.58 10.71
CA GLN A 170 32.20 5.21 9.40
C GLN A 170 31.78 4.30 8.27
N ALA A 171 31.05 4.88 7.31
CA ALA A 171 30.59 4.13 6.14
C ALA A 171 30.49 4.96 4.87
N THR A 172 30.58 4.26 3.73
CA THR A 172 30.43 4.90 2.43
C THR A 172 29.10 4.56 1.76
N VAL A 173 28.36 5.61 1.36
CA VAL A 173 27.06 5.43 0.73
C VAL A 173 27.07 5.88 -0.74
N ARG A 174 26.77 4.94 -1.63
CA ARG A 174 26.74 5.24 -3.05
C ARG A 174 25.28 5.37 -3.48
N PHE A 175 24.93 6.53 -4.02
CA PHE A 175 23.53 6.80 -4.33
C PHE A 175 23.34 7.71 -5.53
N THR A 176 22.09 7.81 -5.99
CA THR A 176 21.78 8.71 -7.09
C THR A 176 20.67 9.68 -6.70
N THR A 177 20.56 10.72 -7.52
CA THR A 177 19.55 11.74 -7.33
C THR A 177 19.08 12.38 -8.62
N GLN A 178 17.81 12.74 -8.68
CA GLN A 178 17.25 13.38 -9.87
C GLN A 178 16.17 14.41 -9.57
N GLN A 179 16.04 15.42 -10.44
CA GLN A 179 15.02 16.44 -10.27
C GLN A 179 13.86 16.37 -11.25
N HIS A 180 12.67 16.40 -10.69
CA HIS A 180 11.38 16.34 -11.38
C HIS A 180 10.65 17.65 -11.20
N ASN A 181 9.75 18.02 -12.12
CA ASN A 181 9.01 19.26 -11.86
C ASN A 181 7.56 19.32 -12.34
N SER A 182 6.94 20.47 -12.06
CA SER A 182 5.55 20.79 -12.34
C SER A 182 5.18 20.83 -13.82
N ASN A 183 6.17 20.87 -14.71
CA ASN A 183 5.89 20.93 -16.13
C ASN A 183 5.97 19.52 -16.70
N GLY A 184 6.17 18.54 -15.80
CA GLY A 184 6.27 17.15 -16.20
C GLY A 184 7.63 16.76 -16.75
N THR A 185 8.69 17.56 -16.50
CA THR A 185 9.96 17.16 -17.08
C THR A 185 10.83 16.55 -16.01
N VAL A 186 11.90 15.88 -16.45
CA VAL A 186 12.86 15.27 -15.54
C VAL A 186 14.29 15.59 -16.01
N GLU A 187 15.13 16.04 -15.08
CA GLU A 187 16.53 16.35 -15.34
C GLU A 187 17.33 15.07 -15.34
N ALA A 188 18.46 15.06 -16.05
CA ALA A 188 19.30 13.88 -16.04
C ALA A 188 19.73 13.55 -14.61
N PRO A 189 19.74 12.27 -14.20
CA PRO A 189 20.14 11.83 -12.88
C PRO A 189 21.60 12.06 -12.68
N GLN A 190 21.95 12.36 -11.44
CA GLN A 190 23.32 12.54 -11.02
C GLN A 190 23.71 11.43 -10.09
N HIS A 191 25.02 11.18 -10.00
CA HIS A 191 25.54 10.17 -9.10
C HIS A 191 26.37 10.87 -8.04
N GLN A 192 26.19 10.47 -6.77
CA GLN A 192 26.87 11.05 -5.62
C GLN A 192 27.34 10.01 -4.60
N ILE A 193 28.39 10.35 -3.84
CA ILE A 193 28.82 9.45 -2.77
C ILE A 193 28.94 10.18 -1.45
N ALA A 194 28.27 9.64 -0.42
CA ALA A 194 28.31 10.26 0.89
C ALA A 194 29.25 9.51 1.81
N THR A 195 29.92 10.26 2.66
CA THR A 195 30.75 9.67 3.70
C THR A 195 30.09 10.04 5.00
N ILE A 196 29.75 9.04 5.78
CA ILE A 196 29.06 9.32 7.01
C ILE A 196 29.79 8.85 8.24
N GLY A 197 30.01 9.79 9.16
CA GLY A 197 30.60 9.47 10.45
C GLY A 197 29.40 9.29 11.36
N TYR A 198 29.38 8.27 12.20
CA TYR A 198 28.21 8.07 13.03
C TYR A 198 28.40 7.29 14.32
N THR A 199 27.41 7.43 15.17
CA THR A 199 27.31 6.69 16.40
C THR A 199 25.86 6.44 16.70
N TYR A 200 25.60 5.94 17.90
CA TYR A 200 24.27 5.74 18.40
C TYR A 200 24.21 6.32 19.80
N ILE A 201 23.11 6.98 20.14
CA ILE A 201 22.96 7.60 21.45
C ILE A 201 21.95 6.87 22.35
N GLY A 202 21.54 5.70 21.89
CA GLY A 202 20.60 4.88 22.64
C GLY A 202 19.18 5.34 22.42
N ALA A 203 18.23 4.64 23.02
CA ALA A 203 16.84 4.99 22.83
C ALA A 203 16.56 6.42 23.33
N PRO A 204 15.76 7.22 22.61
CA PRO A 204 15.31 8.56 22.97
C PRO A 204 14.19 8.45 23.98
N MET A 205 13.88 9.52 24.71
CA MET A 205 12.78 9.44 25.69
C MET A 205 11.61 10.41 25.43
N ARG A 206 11.06 10.32 24.22
CA ARG A 206 9.88 11.06 23.78
C ARG A 206 9.15 10.20 22.74
N SER A 207 7.82 10.15 22.79
CA SER A 207 7.11 9.31 21.82
C SER A 207 7.35 9.73 20.36
N SER A 208 7.52 11.03 20.16
CA SER A 208 7.76 11.60 18.83
C SER A 208 9.13 11.26 18.25
N ASP A 209 10.05 10.79 19.11
CA ASP A 209 11.38 10.42 18.67
C ASP A 209 11.53 8.90 18.58
N ARG A 210 10.96 8.16 19.54
CA ARG A 210 11.16 6.71 19.57
C ARG A 210 10.44 6.04 18.44
N LEU A 211 9.35 6.65 17.94
CA LEU A 211 8.62 6.04 16.85
C LEU A 211 9.28 6.33 15.49
N LEU A 212 10.39 7.10 15.50
CA LEU A 212 11.15 7.42 14.29
C LEU A 212 12.62 6.89 14.32
N ASN A 213 13.27 6.92 15.50
CA ASN A 213 14.69 6.52 15.65
C ASN A 213 14.99 5.80 16.98
N PRO A 214 14.35 4.65 17.29
CA PRO A 214 14.42 3.92 18.55
C PRO A 214 15.81 3.43 18.94
N LEU A 215 16.62 3.24 17.93
CA LEU A 215 17.99 2.78 18.01
C LEU A 215 18.96 3.84 18.48
N GLY A 216 18.58 5.11 18.26
CA GLY A 216 19.43 6.25 18.57
C GLY A 216 20.46 6.60 17.50
N PHE A 217 20.22 6.25 16.23
CA PHE A 217 21.23 6.55 15.21
C PHE A 217 21.54 8.02 15.16
N GLN A 218 22.82 8.37 15.07
CA GLN A 218 23.18 9.76 14.98
C GLN A 218 24.40 10.01 14.10
N VAL A 219 24.24 10.89 13.13
CA VAL A 219 25.34 11.30 12.28
C VAL A 219 26.16 12.36 12.99
N THR A 220 27.47 12.17 13.03
CA THR A 220 28.34 13.12 13.72
C THR A 220 29.15 13.94 12.73
N SER A 221 29.22 13.46 11.50
CA SER A 221 29.95 14.11 10.42
C SER A 221 29.32 13.69 9.10
N TYR A 222 29.18 14.64 8.16
CA TYR A 222 28.58 14.29 6.89
C TYR A 222 29.10 15.11 5.72
N ARG A 223 29.38 14.42 4.62
CA ARG A 223 29.72 15.09 3.37
C ARG A 223 29.26 14.24 2.20
N ALA A 224 28.91 14.88 1.08
CA ALA A 224 28.58 14.12 -0.11
C ALA A 224 29.05 14.88 -1.34
N ASP A 225 29.87 14.20 -2.13
CA ASP A 225 30.49 14.74 -3.31
C ASP A 225 29.92 14.08 -4.57
N PRO A 226 29.94 14.75 -5.74
CA PRO A 226 29.60 14.16 -7.03
C PRO A 226 30.49 12.97 -7.34
N GLU A 227 29.91 11.94 -7.93
CA GLU A 227 30.68 10.79 -8.39
C GLU A 227 31.13 11.06 -9.81
N ILE A 228 32.39 10.80 -10.10
CA ILE A 228 32.82 10.99 -11.47
C ILE A 228 32.83 9.65 -12.16
N LEU A 229 31.96 9.50 -13.14
CA LEU A 229 31.77 8.22 -13.80
C LEU A 229 32.81 7.94 -14.87
N ASN A 230 34.05 7.77 -14.43
CA ASN A 230 35.16 7.50 -15.33
C ASN A 230 35.17 6.03 -15.72
N ASN A 231 34.15 5.66 -16.47
CA ASN A 231 33.91 4.29 -16.90
C ASN A 231 34.28 4.08 -18.36
N GLU B 95 -5.83 7.14 13.16
CA GLU B 95 -4.83 6.17 12.74
C GLU B 95 -5.42 4.85 12.20
N VAL B 96 -6.49 4.37 12.80
CA VAL B 96 -7.06 3.11 12.34
C VAL B 96 -7.61 3.22 10.91
N VAL B 97 -8.39 4.25 10.67
CA VAL B 97 -8.98 4.45 9.37
C VAL B 97 -7.92 4.81 8.32
N ASP B 98 -7.02 5.74 8.64
CA ASP B 98 -6.04 6.14 7.65
C ASP B 98 -5.12 4.99 7.26
N THR B 99 -4.70 4.17 8.24
CA THR B 99 -3.79 3.07 7.93
C THR B 99 -4.47 2.06 7.02
N TYR B 100 -5.76 1.84 7.19
CA TYR B 100 -6.49 0.99 6.25
C TYR B 100 -6.38 1.49 4.84
N TRP B 101 -6.69 2.77 4.62
CA TRP B 101 -6.66 3.28 3.27
C TRP B 101 -5.29 3.26 2.66
N LEU B 102 -4.28 3.57 3.46
CA LEU B 102 -2.89 3.59 3.02
C LEU B 102 -2.47 2.17 2.62
N ASN B 103 -2.90 1.16 3.40
CA ASN B 103 -2.65 -0.24 3.07
C ASN B 103 -3.29 -0.65 1.79
N GLN B 104 -4.59 -0.38 1.67
CA GLN B 104 -5.29 -0.83 0.49
C GLN B 104 -4.74 -0.12 -0.75
N TYR B 105 -4.36 1.16 -0.60
CA TYR B 105 -3.80 1.90 -1.71
C TYR B 105 -2.51 1.27 -2.18
N VAL B 106 -1.56 1.04 -1.27
CA VAL B 106 -0.27 0.49 -1.64
C VAL B 106 -0.40 -0.90 -2.20
N LEU B 107 -1.17 -1.75 -1.54
CA LEU B 107 -1.30 -3.10 -2.02
C LEU B 107 -1.84 -3.11 -3.43
N ASN B 108 -2.94 -2.43 -3.68
CA ASN B 108 -3.54 -2.46 -5.01
C ASN B 108 -2.67 -1.76 -6.05
N ARG B 109 -2.03 -0.66 -5.68
CA ARG B 109 -1.18 0.09 -6.60
C ARG B 109 0.03 -0.71 -7.06
N GLU B 110 0.75 -1.30 -6.08
CA GLU B 110 2.00 -2.01 -6.33
C GLU B 110 1.80 -3.43 -6.88
N ALA B 111 0.70 -4.09 -6.52
CA ALA B 111 0.40 -5.47 -6.92
C ALA B 111 -0.05 -5.55 -8.38
N TYR B 112 -0.01 -6.77 -8.93
CA TYR B 112 -0.47 -7.01 -10.29
C TYR B 112 -0.89 -8.43 -10.58
N ASP B 113 -2.04 -8.56 -11.19
CA ASP B 113 -2.56 -9.83 -11.66
C ASP B 113 -3.49 -9.55 -12.81
N TYR B 114 -3.16 -10.06 -13.97
CA TYR B 114 -3.89 -9.87 -15.21
C TYR B 114 -5.40 -10.04 -14.98
N ASN B 115 -5.75 -11.00 -14.12
CA ASN B 115 -7.11 -11.38 -13.82
C ASN B 115 -7.90 -10.42 -12.92
N THR B 116 -7.23 -9.63 -12.06
CA THR B 116 -7.93 -8.75 -11.12
C THR B 116 -7.54 -7.27 -11.25
N ILE B 117 -6.47 -6.99 -12.01
CA ILE B 117 -5.92 -5.65 -12.16
C ILE B 117 -6.93 -4.61 -12.60
N GLN B 118 -7.93 -4.95 -13.39
CA GLN B 118 -8.84 -3.87 -13.74
C GLN B 118 -9.46 -3.23 -12.49
N MET B 119 -9.76 -4.02 -11.45
CA MET B 119 -10.35 -3.43 -10.27
C MET B 119 -9.31 -2.70 -9.45
N ASN B 120 -8.09 -3.25 -9.39
CA ASN B 120 -7.06 -2.61 -8.59
C ASN B 120 -6.64 -1.29 -9.23
N TYR B 121 -6.63 -1.27 -10.56
CA TYR B 121 -6.27 -0.14 -11.39
C TYR B 121 -7.25 1.00 -11.19
N ASP B 122 -8.55 0.70 -11.34
CA ASP B 122 -9.59 1.69 -11.14
C ASP B 122 -9.67 2.15 -9.69
N THR B 123 -9.45 1.23 -8.75
CA THR B 123 -9.46 1.56 -7.33
C THR B 123 -8.31 2.51 -7.04
N THR B 124 -7.12 2.21 -7.55
CA THR B 124 -6.00 3.07 -7.29
C THR B 124 -6.35 4.46 -7.80
N ALA B 125 -6.86 4.57 -9.03
CA ALA B 125 -7.21 5.88 -9.55
C ALA B 125 -8.26 6.58 -8.66
N LEU B 126 -9.24 5.82 -8.19
CA LEU B 126 -10.28 6.34 -7.31
C LEU B 126 -9.76 6.90 -5.99
N LEU B 127 -8.59 6.40 -5.55
CA LEU B 127 -7.97 6.80 -4.32
C LEU B 127 -6.76 7.70 -4.60
N SER B 128 -6.69 8.30 -5.80
CA SER B 128 -5.57 9.15 -6.20
C SER B 128 -5.98 10.53 -6.78
N ALA B 129 -5.22 11.55 -6.42
CA ALA B 129 -5.35 12.89 -7.00
C ALA B 129 -4.98 12.76 -8.46
N PRO B 130 -5.56 13.52 -9.41
CA PRO B 130 -5.22 13.44 -10.83
C PRO B 130 -3.72 13.38 -11.13
N ALA B 131 -2.91 14.15 -10.39
CA ALA B 131 -1.45 14.09 -10.59
C ALA B 131 -0.91 12.67 -10.36
N VAL B 132 -1.42 12.05 -9.30
CA VAL B 132 -1.04 10.74 -8.84
C VAL B 132 -1.61 9.70 -9.80
N GLN B 133 -2.87 9.92 -10.23
CA GLN B 133 -3.51 9.00 -11.15
C GLN B 133 -2.70 8.89 -12.42
N GLN B 134 -2.22 10.02 -12.93
CA GLN B 134 -1.42 10.04 -14.15
C GLN B 134 -0.11 9.29 -13.95
N ASP B 135 0.56 9.50 -12.80
CA ASP B 135 1.80 8.79 -12.56
C ASP B 135 1.56 7.28 -12.62
N TYR B 136 0.46 6.86 -11.98
CA TYR B 136 0.05 5.47 -11.98
C TYR B 136 -0.30 4.93 -13.37
N TYR B 137 -1.11 5.67 -14.13
CA TYR B 137 -1.56 5.23 -15.45
C TYR B 137 -0.37 4.97 -16.35
N LYS B 138 0.64 5.84 -16.27
CA LYS B 138 1.86 5.76 -17.05
C LYS B 138 2.65 4.46 -16.86
N LEU B 139 2.42 3.75 -15.75
CA LEU B 139 3.15 2.52 -15.47
C LEU B 139 2.67 1.39 -16.36
N PHE B 140 1.56 1.62 -17.04
CA PHE B 140 0.96 0.65 -17.92
C PHE B 140 1.14 1.10 -19.37
N ASP B 141 1.98 2.12 -19.59
CA ASP B 141 2.20 2.61 -20.95
C ASP B 141 3.57 2.23 -21.52
N GLY B 142 3.66 2.25 -22.83
CA GLY B 142 4.90 2.01 -23.56
C GLY B 142 5.32 0.53 -23.59
N SER B 143 6.48 0.26 -24.17
CA SER B 143 7.00 -1.09 -24.32
C SER B 143 7.36 -1.77 -23.00
N ASN B 144 7.55 -0.97 -21.96
CA ASN B 144 7.93 -1.45 -20.63
C ASN B 144 6.74 -1.45 -19.68
N ALA B 145 5.54 -1.35 -20.25
CA ALA B 145 4.30 -1.35 -19.51
C ALA B 145 4.15 -2.57 -18.66
N ARG B 146 3.56 -2.42 -17.47
CA ARG B 146 3.34 -3.58 -16.62
C ARG B 146 2.50 -4.64 -17.36
N ASP B 147 1.57 -4.16 -18.18
CA ASP B 147 0.69 -4.96 -19.03
C ASP B 147 1.44 -5.81 -20.08
N ARG B 148 2.67 -5.42 -20.41
CA ARG B 148 3.48 -6.13 -21.40
C ARG B 148 4.61 -6.93 -20.74
N VAL B 149 5.16 -6.38 -19.66
CA VAL B 149 6.26 -6.99 -18.91
C VAL B 149 5.79 -8.18 -18.10
N LEU B 150 4.69 -7.99 -17.36
CA LEU B 150 4.11 -9.04 -16.57
C LEU B 150 3.03 -9.70 -17.41
N GLY B 151 2.18 -8.88 -18.03
CA GLY B 151 1.14 -9.43 -18.91
C GLY B 151 0.41 -10.54 -18.20
N ASN B 152 0.34 -11.70 -18.85
CA ASN B 152 -0.30 -12.87 -18.27
C ASN B 152 0.75 -13.99 -18.14
N LYS B 153 2.01 -13.59 -17.96
CA LYS B 153 3.14 -14.51 -17.80
C LYS B 153 3.68 -14.47 -16.38
N ALA B 154 3.58 -13.30 -15.73
CA ALA B 154 4.07 -13.11 -14.37
C ALA B 154 3.12 -12.22 -13.59
N ARG B 155 3.14 -12.38 -12.28
CA ARG B 155 2.28 -11.64 -11.36
C ARG B 155 3.01 -11.12 -10.13
N ILE B 156 2.50 -10.02 -9.56
CA ILE B 156 3.08 -9.44 -8.36
C ILE B 156 2.16 -9.50 -7.14
N THR B 157 2.70 -10.06 -6.06
CA THR B 157 2.01 -10.17 -4.79
C THR B 157 2.56 -9.14 -3.81
N VAL B 158 1.67 -8.36 -3.21
CA VAL B 158 2.05 -7.31 -2.27
C VAL B 158 1.31 -7.44 -0.95
N ARG B 159 2.07 -7.27 0.14
CA ARG B 159 1.53 -7.31 1.49
C ARG B 159 2.17 -6.22 2.34
N VAL B 160 1.35 -5.55 3.15
CA VAL B 160 1.83 -4.49 4.04
C VAL B 160 2.09 -5.03 5.44
N ARG B 161 3.27 -4.72 5.99
CA ARG B 161 3.66 -5.18 7.31
C ARG B 161 3.23 -4.21 8.41
N SER B 162 3.43 -2.91 8.15
CA SER B 162 3.12 -1.90 9.15
C SER B 162 2.97 -0.48 8.58
N ILE B 163 1.96 0.25 9.07
CA ILE B 163 1.80 1.65 8.68
C ILE B 163 1.75 2.54 9.90
N GLN B 164 2.57 3.58 9.88
CA GLN B 164 2.59 4.55 10.97
C GLN B 164 2.49 6.00 10.47
N PRO B 165 1.36 6.70 10.70
CA PRO B 165 1.13 8.10 10.36
C PRO B 165 2.17 8.98 11.05
N ASN B 166 2.60 10.04 10.37
CA ASN B 166 3.63 10.91 10.92
C ASN B 166 3.35 12.36 10.56
N GLY B 167 2.30 12.93 11.16
CA GLY B 167 1.89 14.29 10.82
C GLY B 167 0.50 14.30 10.21
N ARG B 168 0.16 15.40 9.55
CA ARG B 168 -0.74 16.26 8.81
C ARG B 168 -0.86 15.81 7.37
N GLY B 169 -1.62 14.73 7.13
CA GLY B 169 -1.75 14.17 5.79
C GLY B 169 -0.54 13.36 5.32
N GLN B 170 0.21 12.76 6.24
CA GLN B 170 1.37 11.99 5.81
C GLN B 170 1.62 10.75 6.65
N ALA B 171 1.97 9.65 5.96
CA ALA B 171 2.27 8.40 6.64
C ALA B 171 3.32 7.54 5.95
N THR B 172 3.96 6.68 6.74
CA THR B 172 4.96 5.75 6.23
C THR B 172 4.44 4.31 6.18
N VAL B 173 4.55 3.70 5.00
CA VAL B 173 4.08 2.32 4.81
C VAL B 173 5.24 1.36 4.56
N ARG B 174 5.39 0.37 5.42
CA ARG B 174 6.44 -0.63 5.27
C ARG B 174 5.82 -1.90 4.71
N PHE B 175 6.30 -2.34 3.56
CA PHE B 175 5.68 -3.48 2.90
C PHE B 175 6.66 -4.32 2.09
N THR B 176 6.19 -5.49 1.65
CA THR B 176 7.02 -6.35 0.81
C THR B 176 6.32 -6.67 -0.49
N THR B 177 7.11 -7.15 -1.43
CA THR B 177 6.62 -7.55 -2.75
C THR B 177 7.40 -8.70 -3.36
N GLN B 178 6.71 -9.54 -4.11
CA GLN B 178 7.36 -10.67 -4.78
C GLN B 178 6.75 -11.04 -6.12
N GLN B 179 7.57 -11.59 -7.02
CA GLN B 179 7.09 -12.00 -8.34
C GLN B 179 6.99 -13.50 -8.53
N HIS B 180 5.82 -13.91 -9.00
CA HIS B 180 5.44 -15.30 -9.29
C HIS B 180 5.22 -15.46 -10.78
N ASN B 181 5.38 -16.67 -11.33
CA ASN B 181 5.09 -16.80 -12.76
C ASN B 181 4.48 -18.12 -13.24
N SER B 182 4.22 -18.16 -14.54
CA SER B 182 3.60 -19.27 -15.26
C SER B 182 4.39 -20.56 -15.27
N ASN B 183 5.67 -20.51 -14.91
CA ASN B 183 6.49 -21.71 -14.90
C ASN B 183 6.52 -22.29 -13.49
N GLY B 184 5.74 -21.66 -12.59
CA GLY B 184 5.66 -22.09 -11.22
C GLY B 184 6.83 -21.63 -10.36
N THR B 185 7.59 -20.60 -10.79
CA THR B 185 8.70 -20.21 -9.97
C THR B 185 8.34 -18.95 -9.21
N VAL B 186 9.15 -18.64 -8.19
CA VAL B 186 8.98 -17.43 -7.39
C VAL B 186 10.33 -16.74 -7.20
N GLU B 187 10.36 -15.43 -7.45
CA GLU B 187 11.56 -14.62 -7.26
C GLU B 187 11.71 -14.27 -5.79
N ALA B 188 12.94 -14.00 -5.35
CA ALA B 188 13.13 -13.61 -3.96
C ALA B 188 12.33 -12.34 -3.67
N PRO B 189 11.66 -12.25 -2.49
CA PRO B 189 10.89 -11.10 -2.08
C PRO B 189 11.77 -9.91 -1.85
N GLN B 190 11.23 -8.75 -2.14
CA GLN B 190 11.89 -7.50 -1.92
C GLN B 190 11.18 -6.73 -0.83
N HIS B 191 11.90 -5.83 -0.18
CA HIS B 191 11.31 -4.98 0.84
C HIS B 191 11.33 -3.54 0.34
N GLN B 192 10.21 -2.83 0.54
CA GLN B 192 10.04 -1.44 0.09
C GLN B 192 9.32 -0.57 1.13
N ILE B 193 9.59 0.75 1.07
CA ILE B 193 8.87 1.66 1.94
C ILE B 193 8.24 2.80 1.16
N ALA B 194 6.93 2.99 1.35
CA ALA B 194 6.23 4.06 0.65
C ALA B 194 5.98 5.23 1.58
N THR B 195 6.06 6.42 1.00
CA THR B 195 5.71 7.63 1.71
C THR B 195 4.48 8.16 1.01
N ILE B 196 3.42 8.35 1.79
CA ILE B 196 2.19 8.79 1.17
C ILE B 196 1.69 10.09 1.73
N GLY B 197 1.47 11.04 0.83
CA GLY B 197 0.87 12.31 1.18
C GLY B 197 -0.60 12.12 0.87
N TYR B 198 -1.50 12.54 1.75
CA TYR B 198 -2.90 12.31 1.47
C TYR B 198 -3.90 13.23 2.14
N THR B 199 -5.11 13.18 1.62
CA THR B 199 -6.24 13.88 2.16
C THR B 199 -7.49 13.06 1.89
N TYR B 200 -8.63 13.66 2.16
CA TYR B 200 -9.91 13.08 1.87
C TYR B 200 -10.76 14.13 1.17
N ILE B 201 -11.51 13.73 0.16
CA ILE B 201 -12.34 14.66 -0.60
C ILE B 201 -13.82 14.49 -0.33
N GLY B 202 -14.14 13.70 0.68
CA GLY B 202 -15.51 13.46 1.08
C GLY B 202 -16.15 12.40 0.20
N ALA B 203 -17.40 12.08 0.51
CA ALA B 203 -18.08 11.05 -0.25
C ALA B 203 -18.19 11.44 -1.74
N PRO B 204 -17.97 10.50 -2.68
CA PRO B 204 -18.12 10.66 -4.13
C PRO B 204 -19.59 10.61 -4.48
N MET B 205 -19.99 11.08 -5.66
CA MET B 205 -21.41 11.02 -6.04
C MET B 205 -21.70 10.20 -7.30
N ARG B 206 -21.25 8.94 -7.27
CA ARG B 206 -21.50 7.93 -8.30
C ARG B 206 -21.52 6.56 -7.62
N SER B 207 -22.43 5.67 -8.00
CA SER B 207 -22.48 4.36 -7.35
C SER B 207 -21.19 3.56 -7.52
N SER B 208 -20.54 3.73 -8.68
CA SER B 208 -19.31 3.04 -9.00
C SER B 208 -18.11 3.51 -8.19
N ASP B 209 -18.23 4.67 -7.53
CA ASP B 209 -17.17 5.21 -6.70
C ASP B 209 -17.45 5.00 -5.22
N ARG B 210 -18.71 5.19 -4.81
CA ARG B 210 -19.04 5.12 -3.38
C ARG B 210 -18.92 3.71 -2.86
N LEU B 211 -19.11 2.72 -3.74
CA LEU B 211 -19.02 1.34 -3.29
C LEU B 211 -17.55 0.87 -3.22
N LEU B 212 -16.60 1.75 -3.58
CA LEU B 212 -15.17 1.45 -3.53
C LEU B 212 -14.39 2.39 -2.55
N ASN B 213 -14.76 3.69 -2.49
CA ASN B 213 -14.06 4.69 -1.68
C ASN B 213 -15.00 5.74 -1.04
N PRO B 214 -15.97 5.34 -0.19
CA PRO B 214 -17.02 6.17 0.41
C PRO B 214 -16.52 7.32 1.27
N LEU B 215 -15.35 7.13 1.81
CA LEU B 215 -14.64 8.05 2.67
C LEU B 215 -14.02 9.21 1.95
N GLY B 216 -13.73 8.99 0.65
CA GLY B 216 -13.05 9.98 -0.18
C GLY B 216 -11.53 9.97 -0.08
N PHE B 217 -10.91 8.85 0.30
CA PHE B 217 -9.45 8.85 0.44
C PHE B 217 -8.76 9.26 -0.84
N GLN B 218 -7.77 10.13 -0.73
CA GLN B 218 -7.06 10.53 -1.93
C GLN B 218 -5.57 10.78 -1.68
N VAL B 219 -4.75 10.12 -2.47
CA VAL B 219 -3.31 10.32 -2.42
C VAL B 219 -2.95 11.55 -3.22
N THR B 220 -2.17 12.44 -2.63
CA THR B 220 -1.81 13.68 -3.31
C THR B 220 -0.34 13.66 -3.72
N SER B 221 0.42 12.76 -3.12
CA SER B 221 1.84 12.58 -3.39
C SER B 221 2.22 11.14 -3.07
N TYR B 222 3.06 10.53 -3.91
CA TYR B 222 3.44 9.15 -3.65
C TYR B 222 4.84 8.80 -4.14
N ARG B 223 5.58 8.10 -3.29
CA ARG B 223 6.87 7.55 -3.69
C ARG B 223 7.13 6.27 -2.93
N ALA B 224 7.86 5.33 -3.53
CA ALA B 224 8.25 4.14 -2.80
C ALA B 224 9.63 3.70 -3.23
N ASP B 225 10.51 3.58 -2.25
CA ASP B 225 11.91 3.25 -2.44
C ASP B 225 12.21 1.87 -1.88
N PRO B 226 13.23 1.14 -2.38
CA PRO B 226 13.73 -0.10 -1.82
C PRO B 226 14.18 0.10 -0.38
N GLU B 227 13.90 -0.88 0.46
CA GLU B 227 14.38 -0.87 1.84
C GLU B 227 15.74 -1.52 1.87
N ILE B 228 16.69 -0.92 2.56
CA ILE B 228 17.98 -1.57 2.64
C ILE B 228 18.06 -2.26 3.98
N LEU B 229 18.13 -3.59 3.93
CA LEU B 229 18.08 -4.40 5.14
C LEU B 229 19.43 -4.49 5.85
N ASN B 230 19.88 -3.36 6.37
CA ASN B 230 21.16 -3.28 7.08
C ASN B 230 20.99 -3.78 8.50
N ASN B 231 20.74 -5.08 8.59
CA ASN B 231 20.46 -5.76 9.84
C ASN B 231 21.66 -6.58 10.32
N GLU C 95 -26.20 4.68 4.44
CA GLU C 95 -26.26 3.81 3.27
C GLU C 95 -24.94 3.66 2.52
N VAL C 96 -24.16 4.73 2.43
CA VAL C 96 -22.89 4.63 1.71
C VAL C 96 -21.91 3.67 2.38
N VAL C 97 -21.75 3.82 3.68
CA VAL C 97 -20.83 2.99 4.41
C VAL C 97 -21.35 1.55 4.52
N ASP C 98 -22.63 1.36 4.84
CA ASP C 98 -23.13 0.00 4.98
C ASP C 98 -23.07 -0.76 3.68
N THR C 99 -23.39 -0.11 2.54
CA THR C 99 -23.39 -0.81 1.27
C THR C 99 -21.97 -1.26 0.92
N TYR C 100 -20.97 -0.46 1.25
CA TYR C 100 -19.60 -0.90 1.06
C TYR C 100 -19.30 -2.19 1.79
N TRP C 101 -19.62 -2.24 3.08
CA TRP C 101 -19.31 -3.44 3.84
C TRP C 101 -20.06 -4.65 3.36
N LEU C 102 -21.32 -4.46 2.98
CA LEU C 102 -22.16 -5.52 2.49
C LEU C 102 -21.59 -6.06 1.17
N ASN C 103 -21.10 -5.16 0.30
CA ASN C 103 -20.44 -5.54 -0.95
C ASN C 103 -19.19 -6.33 -0.70
N GLN C 104 -18.30 -5.79 0.13
CA GLN C 104 -17.04 -6.46 0.33
C GLN C 104 -17.27 -7.81 0.99
N TYR C 105 -18.26 -7.90 1.90
CA TYR C 105 -18.57 -9.15 2.55
C TYR C 105 -19.01 -10.20 1.55
N VAL C 106 -20.01 -9.87 0.72
CA VAL C 106 -20.52 -10.83 -0.25
C VAL C 106 -19.48 -11.23 -1.26
N LEU C 107 -18.77 -10.26 -1.81
CA LEU C 107 -17.79 -10.58 -2.80
C LEU C 107 -16.76 -11.54 -2.24
N ASN C 108 -16.17 -11.22 -1.09
CA ASN C 108 -15.13 -12.07 -0.55
C ASN C 108 -15.66 -13.42 -0.08
N ARG C 109 -16.87 -13.44 0.50
CA ARG C 109 -17.48 -14.67 0.99
C ARG C 109 -17.77 -15.66 -0.13
N GLU C 110 -18.44 -15.15 -1.19
CA GLU C 110 -18.91 -15.98 -2.30
C GLU C 110 -17.80 -16.34 -3.30
N ALA C 111 -16.81 -15.46 -3.48
CA ALA C 111 -15.71 -15.64 -4.43
C ALA C 111 -14.71 -16.67 -3.97
N TYR C 112 -13.88 -17.15 -4.90
CA TYR C 112 -12.82 -18.11 -4.59
C TYR C 112 -11.67 -18.12 -5.56
N ASP C 113 -10.47 -18.07 -5.01
CA ASP C 113 -9.25 -18.21 -5.78
C ASP C 113 -8.19 -18.74 -4.84
N TYR C 114 -7.67 -19.91 -5.16
CA TYR C 114 -6.67 -20.62 -4.38
C TYR C 114 -5.57 -19.67 -3.90
N ASN C 115 -5.20 -18.73 -4.78
CA ASN C 115 -4.12 -17.79 -4.58
C ASN C 115 -4.41 -16.63 -3.62
N THR C 116 -5.69 -16.24 -3.43
CA THR C 116 -6.02 -15.09 -2.58
C THR C 116 -6.99 -15.42 -1.45
N ILE C 117 -7.61 -16.61 -1.50
CA ILE C 117 -8.63 -17.04 -0.54
C ILE C 117 -8.20 -16.93 0.90
N GLN C 118 -6.93 -17.11 1.24
CA GLN C 118 -6.64 -16.99 2.66
C GLN C 118 -7.06 -15.60 3.19
N MET C 119 -6.90 -14.54 2.39
CA MET C 119 -7.26 -13.22 2.89
C MET C 119 -8.76 -13.05 2.86
N ASN C 120 -9.42 -13.59 1.82
CA ASN C 120 -10.87 -13.42 1.74
C ASN C 120 -11.56 -14.20 2.84
N TYR C 121 -10.99 -15.37 3.16
CA TYR C 121 -11.47 -16.29 4.19
C TYR C 121 -11.40 -15.64 5.56
N ASP C 122 -10.21 -15.12 5.91
CA ASP C 122 -10.03 -14.45 7.18
C ASP C 122 -10.83 -13.16 7.27
N THR C 123 -10.94 -12.43 6.15
CA THR C 123 -11.72 -11.21 6.11
C THR C 123 -13.19 -11.54 6.35
N THR C 124 -13.69 -12.57 5.68
CA THR C 124 -15.08 -12.92 5.87
C THR C 124 -15.29 -13.21 7.34
N ALA C 125 -14.42 -14.03 7.95
CA ALA C 125 -14.60 -14.32 9.36
C ALA C 125 -14.56 -13.04 10.23
N LEU C 126 -13.65 -12.13 9.90
CA LEU C 126 -13.52 -10.85 10.59
C LEU C 126 -14.76 -9.99 10.53
N LEU C 127 -15.58 -10.18 9.49
CA LEU C 127 -16.78 -9.42 9.26
C LEU C 127 -18.01 -10.29 9.57
N SER C 128 -17.84 -11.37 10.34
CA SER C 128 -18.94 -12.28 10.68
C SER C 128 -19.06 -12.60 12.18
N ALA C 129 -20.30 -12.69 12.65
CA ALA C 129 -20.62 -13.15 14.00
C ALA C 129 -20.18 -14.60 14.07
N PRO C 130 -19.72 -15.15 15.21
CA PRO C 130 -19.31 -16.55 15.33
C PRO C 130 -20.28 -17.55 14.68
N ALA C 131 -21.59 -17.33 14.81
CA ALA C 131 -22.56 -18.23 14.16
C ALA C 131 -22.36 -18.28 12.64
N VAL C 132 -22.12 -17.09 12.08
CA VAL C 132 -21.95 -16.86 10.66
C VAL C 132 -20.58 -17.39 10.25
N GLN C 133 -19.57 -17.14 11.10
CA GLN C 133 -18.22 -17.60 10.81
C GLN C 133 -18.22 -19.11 10.64
N GLN C 134 -18.92 -19.81 11.54
CA GLN C 134 -18.99 -21.26 11.49
C GLN C 134 -19.68 -21.73 10.22
N ASP C 135 -20.77 -21.07 9.83
CA ASP C 135 -21.46 -21.46 8.61
C ASP C 135 -20.49 -21.37 7.43
N TYR C 136 -19.75 -20.28 7.39
CA TYR C 136 -18.74 -20.04 6.37
C TYR C 136 -17.60 -21.06 6.39
N TYR C 137 -17.03 -21.33 7.58
CA TYR C 137 -15.90 -22.25 7.71
C TYR C 137 -16.27 -23.61 7.16
N LYS C 138 -17.49 -24.05 7.45
CA LYS C 138 -18.02 -25.35 7.03
C LYS C 138 -18.04 -25.54 5.52
N LEU C 139 -17.99 -24.47 4.73
CA LEU C 139 -18.04 -24.55 3.28
C LEU C 139 -16.73 -25.08 2.73
N PHE C 140 -15.72 -25.11 3.58
CA PHE C 140 -14.40 -25.56 3.22
C PHE C 140 -14.13 -26.92 3.87
N ASP C 141 -15.16 -27.54 4.44
CA ASP C 141 -14.98 -28.83 5.08
C ASP C 141 -15.56 -30.01 4.28
N GLY C 142 -15.06 -31.20 4.57
CA GLY C 142 -15.55 -32.44 3.98
C GLY C 142 -15.11 -32.65 2.54
N SER C 143 -15.59 -33.72 1.92
CA SER C 143 -15.22 -34.09 0.56
C SER C 143 -15.73 -33.11 -0.50
N ASN C 144 -16.74 -32.31 -0.15
CA ASN C 144 -17.36 -31.35 -1.04
C ASN C 144 -16.88 -29.93 -0.74
N ALA C 145 -15.79 -29.83 0.01
CA ALA C 145 -15.19 -28.57 0.40
C ALA C 145 -14.83 -27.73 -0.80
N ARG C 146 -14.99 -26.41 -0.69
CA ARG C 146 -14.62 -25.54 -1.81
C ARG C 146 -13.13 -25.75 -2.17
N ASP C 147 -12.31 -26.01 -1.15
CA ASP C 147 -10.89 -26.29 -1.25
C ASP C 147 -10.56 -27.57 -2.06
N ARG C 148 -11.53 -28.47 -2.20
CA ARG C 148 -11.35 -29.72 -2.94
C ARG C 148 -12.07 -29.69 -4.28
N VAL C 149 -13.24 -29.04 -4.31
CA VAL C 149 -14.08 -28.93 -5.50
C VAL C 149 -13.48 -27.97 -6.51
N LEU C 150 -13.09 -26.79 -6.03
CA LEU C 150 -12.47 -25.78 -6.87
C LEU C 150 -10.97 -25.99 -6.77
N GLY C 151 -10.47 -26.10 -5.53
CA GLY C 151 -9.03 -26.35 -5.33
C GLY C 151 -8.24 -25.34 -6.14
N ASN C 152 -7.32 -25.86 -6.97
CA ASN C 152 -6.51 -25.01 -7.83
C ASN C 152 -6.78 -25.41 -9.29
N LYS C 153 -8.00 -25.88 -9.55
CA LYS C 153 -8.46 -26.29 -10.88
C LYS C 153 -9.51 -25.32 -11.42
N ALA C 154 -10.30 -24.74 -10.52
CA ALA C 154 -11.35 -23.81 -10.90
C ALA C 154 -11.44 -22.67 -9.89
N ARG C 155 -11.95 -21.53 -10.36
CA ARG C 155 -12.08 -20.32 -9.55
C ARG C 155 -13.43 -19.63 -9.72
N ILE C 156 -13.85 -18.90 -8.68
CA ILE C 156 -15.10 -18.15 -8.72
C ILE C 156 -14.91 -16.64 -8.65
N THR C 157 -15.51 -15.96 -9.63
CA THR C 157 -15.49 -14.51 -9.73
C THR C 157 -16.84 -13.96 -9.31
N VAL C 158 -16.83 -13.01 -8.38
CA VAL C 158 -18.06 -12.40 -7.86
C VAL C 158 -18.03 -10.89 -7.97
N ARG C 159 -19.14 -10.32 -8.41
CA ARG C 159 -19.32 -8.87 -8.53
C ARG C 159 -20.72 -8.47 -8.07
N VAL C 160 -20.80 -7.37 -7.32
CA VAL C 160 -22.08 -6.86 -6.83
C VAL C 160 -22.61 -5.77 -7.74
N ARG C 161 -23.88 -5.89 -8.13
CA ARG C 161 -24.52 -4.93 -9.01
C ARG C 161 -25.17 -3.79 -8.25
N SER C 162 -25.85 -4.12 -7.15
CA SER C 162 -26.57 -3.11 -6.36
C SER C 162 -26.92 -3.56 -4.95
N ILE C 163 -26.76 -2.65 -3.98
CA ILE C 163 -27.16 -2.93 -2.61
C ILE C 163 -28.12 -1.86 -2.10
N GLN C 164 -29.25 -2.30 -1.56
CA GLN C 164 -30.21 -1.37 -0.99
C GLN C 164 -30.64 -1.80 0.43
N PRO C 165 -30.26 -1.04 1.48
CA PRO C 165 -30.64 -1.24 2.87
C PRO C 165 -32.16 -1.18 3.00
N ASN C 166 -32.72 -2.00 3.88
CA ASN C 166 -34.16 -2.05 4.05
C ASN C 166 -34.52 -2.24 5.52
N GLY C 167 -34.30 -1.22 6.32
CA GLY C 167 -34.52 -1.33 7.76
C GLY C 167 -33.23 -1.17 8.53
N ARG C 168 -33.24 -1.59 9.79
CA ARG C 168 -32.67 -1.80 11.12
C ARG C 168 -31.72 -2.99 11.12
N GLY C 169 -30.50 -2.79 10.58
CA GLY C 169 -29.54 -3.88 10.47
C GLY C 169 -29.84 -4.88 9.35
N GLN C 170 -30.49 -4.44 8.27
CA GLN C 170 -30.79 -5.39 7.20
C GLN C 170 -30.71 -4.76 5.82
N ALA C 171 -30.13 -5.50 4.88
CA ALA C 171 -30.01 -5.04 3.50
C ALA C 171 -30.07 -6.15 2.46
N THR C 172 -30.46 -5.77 1.24
CA THR C 172 -30.52 -6.69 0.11
C THR C 172 -29.39 -6.45 -0.88
N VAL C 173 -28.63 -7.52 -1.19
CA VAL C 173 -27.51 -7.43 -2.12
C VAL C 173 -27.78 -8.21 -3.40
N ARG C 174 -27.78 -7.52 -4.54
CA ARG C 174 -28.00 -8.16 -5.82
C ARG C 174 -26.65 -8.30 -6.51
N PHE C 175 -26.28 -9.54 -6.84
CA PHE C 175 -24.95 -9.79 -7.39
C PHE C 175 -24.90 -10.95 -8.36
N THR C 176 -23.78 -11.10 -9.05
CA THR C 176 -23.60 -12.21 -9.97
C THR C 176 -22.34 -12.99 -9.62
N THR C 177 -22.27 -14.20 -10.17
CA THR C 177 -21.13 -15.08 -9.99
C THR C 177 -20.87 -15.99 -11.18
N GLN C 178 -19.61 -16.28 -11.42
CA GLN C 178 -19.23 -17.16 -12.53
C GLN C 178 -18.01 -18.01 -12.25
N GLN C 179 -17.95 -19.19 -12.89
CA GLN C 179 -16.80 -20.08 -12.71
C GLN C 179 -15.88 -20.19 -13.92
N HIS C 180 -14.60 -20.00 -13.64
CA HIS C 180 -13.50 -20.04 -14.60
C HIS C 180 -12.60 -21.22 -14.29
N ASN C 181 -11.87 -21.75 -15.29
CA ASN C 181 -10.96 -22.85 -14.92
C ASN C 181 -9.64 -22.94 -15.69
N SER C 182 -8.85 -23.94 -15.30
CA SER C 182 -7.51 -24.23 -15.80
C SER C 182 -7.45 -24.63 -17.27
N ASN C 183 -8.59 -24.94 -17.88
CA ASN C 183 -8.61 -25.32 -19.28
C ASN C 183 -8.96 -24.10 -20.11
N GLY C 184 -9.08 -22.95 -19.46
CA GLY C 184 -9.41 -21.71 -20.11
C GLY C 184 -10.88 -21.56 -20.43
N THR C 185 -11.77 -22.33 -19.78
CA THR C 185 -13.18 -22.16 -20.13
C THR C 185 -13.87 -21.35 -19.06
N VAL C 186 -15.07 -20.88 -19.40
CA VAL C 186 -15.89 -20.12 -18.46
C VAL C 186 -17.34 -20.64 -18.51
N GLU C 187 -17.91 -20.89 -17.34
CA GLU C 187 -19.29 -21.34 -17.21
C GLU C 187 -20.23 -20.14 -17.31
N ALA C 188 -21.47 -20.37 -17.74
CA ALA C 188 -22.41 -19.28 -17.82
C ALA C 188 -22.58 -18.64 -16.44
N PRO C 189 -22.65 -17.30 -16.34
CA PRO C 189 -22.82 -16.57 -15.10
C PRO C 189 -24.18 -16.83 -14.52
N GLN C 190 -24.23 -16.83 -13.21
CA GLN C 190 -25.46 -16.99 -12.48
C GLN C 190 -25.79 -15.70 -11.75
N HIS C 191 -27.05 -15.51 -11.43
CA HIS C 191 -27.50 -14.34 -10.70
C HIS C 191 -28.01 -14.81 -9.35
N GLN C 192 -27.63 -14.09 -8.28
CA GLN C 192 -28.00 -14.42 -6.89
C GLN C 192 -28.35 -13.19 -6.07
N ILE C 193 -29.19 -13.39 -5.03
CA ILE C 193 -29.50 -12.29 -4.14
C ILE C 193 -29.26 -12.67 -2.68
N ALA C 194 -28.46 -11.86 -1.98
CA ALA C 194 -28.17 -12.13 -0.58
C ALA C 194 -28.97 -11.23 0.32
N THR C 195 -29.38 -11.79 1.45
CA THR C 195 -30.03 -11.02 2.48
C THR C 195 -29.09 -11.02 3.65
N ILE C 196 -28.73 -9.83 4.09
CA ILE C 196 -27.77 -9.75 5.16
C ILE C 196 -28.28 -9.04 6.39
N GLY C 197 -28.20 -9.73 7.52
CA GLY C 197 -28.55 -9.14 8.81
C GLY C 197 -27.22 -8.68 9.36
N TYR C 198 -27.15 -7.48 9.91
CA TYR C 198 -25.85 -7.02 10.40
C TYR C 198 -25.87 -5.96 11.47
N THR C 199 -24.72 -5.81 12.09
CA THR C 199 -24.46 -4.78 13.07
C THR C 199 -23.01 -4.39 12.99
N TYR C 200 -22.58 -3.59 13.94
CA TYR C 200 -21.19 -3.19 14.07
C TYR C 200 -20.79 -3.40 15.53
N ILE C 201 -19.58 -3.90 15.75
CA ILE C 201 -19.10 -4.16 17.10
C ILE C 201 -18.02 -3.17 17.56
N GLY C 202 -17.84 -2.13 16.77
CA GLY C 202 -16.86 -1.10 17.07
C GLY C 202 -15.47 -1.52 16.66
N ALA C 203 -14.50 -0.63 16.86
CA ALA C 203 -13.16 -0.94 16.43
C ALA C 203 -12.62 -2.17 17.19
N PRO C 204 -11.90 -3.08 16.50
CA PRO C 204 -11.24 -4.27 17.04
C PRO C 204 -9.96 -3.85 17.73
N MET C 205 -9.38 -4.68 18.60
CA MET C 205 -8.12 -4.31 19.27
C MET C 205 -6.94 -5.22 18.98
N ARG C 206 -6.67 -5.41 17.70
CA ARG C 206 -5.52 -6.16 17.17
C ARG C 206 -5.12 -5.54 15.84
N SER C 207 -3.82 -5.40 15.57
CA SER C 207 -3.42 -4.79 14.30
C SER C 207 -3.89 -5.57 13.07
N SER C 208 -3.96 -6.89 13.21
CA SER C 208 -4.39 -7.77 12.14
C SER C 208 -5.88 -7.67 11.83
N ASP C 209 -6.65 -7.06 12.73
CA ASP C 209 -8.08 -6.89 12.53
C ASP C 209 -8.42 -5.46 12.12
N ARG C 210 -7.75 -4.47 12.74
CA ARG C 210 -8.09 -3.08 12.48
C ARG C 210 -7.69 -2.66 11.09
N LEU C 211 -6.68 -3.31 10.52
CA LEU C 211 -6.25 -2.95 9.19
C LEU C 211 -7.13 -3.59 8.11
N LEU C 212 -8.13 -4.41 8.54
CA LEU C 212 -9.07 -5.05 7.64
C LEU C 212 -10.55 -4.62 7.87
N ASN C 213 -10.95 -4.40 9.13
CA ASN C 213 -12.34 -4.06 9.51
C ASN C 213 -12.44 -3.06 10.67
N PRO C 214 -11.89 -1.83 10.55
CA PRO C 214 -11.78 -0.81 11.61
C PRO C 214 -13.11 -0.32 12.17
N LEU C 215 -14.13 -0.44 11.35
CA LEU C 215 -15.49 -0.06 11.63
C LEU C 215 -16.23 -1.02 12.53
N GLY C 216 -15.76 -2.28 12.53
CA GLY C 216 -16.40 -3.36 13.27
C GLY C 216 -17.57 -4.02 12.56
N PHE C 217 -17.64 -3.99 11.23
CA PHE C 217 -18.79 -4.60 10.55
C PHE C 217 -18.94 -6.05 10.91
N GLN C 218 -20.16 -6.47 11.19
CA GLN C 218 -20.38 -7.86 11.51
C GLN C 218 -21.73 -8.40 11.01
N VAL C 219 -21.65 -9.48 10.26
CA VAL C 219 -22.86 -10.15 9.78
C VAL C 219 -23.40 -11.05 10.87
N THR C 220 -24.68 -10.94 11.17
CA THR C 220 -25.27 -11.73 12.23
C THR C 220 -26.18 -12.82 11.66
N SER C 221 -26.55 -12.66 10.40
CA SER C 221 -27.41 -13.60 9.68
C SER C 221 -27.10 -13.48 8.20
N TYR C 222 -27.06 -14.62 7.50
CA TYR C 222 -26.77 -14.57 6.07
C TYR C 222 -27.41 -15.68 5.28
N ARG C 223 -27.99 -15.30 4.14
CA ARG C 223 -28.50 -16.27 3.18
C ARG C 223 -28.39 -15.72 1.77
N ALA C 224 -28.19 -16.60 0.79
CA ALA C 224 -28.20 -16.13 -0.59
C ALA C 224 -28.82 -17.19 -1.48
N ASP C 225 -29.85 -16.77 -2.20
CA ASP C 225 -30.63 -17.63 -3.07
C ASP C 225 -30.41 -17.28 -4.53
N PRO C 226 -30.60 -18.20 -5.49
CA PRO C 226 -30.59 -17.93 -6.92
C PRO C 226 -31.65 -16.92 -7.28
N GLU C 227 -31.33 -16.03 -8.21
CA GLU C 227 -32.28 -15.08 -8.73
C GLU C 227 -32.98 -15.72 -9.92
N ILE C 228 -34.30 -15.61 -9.98
CA ILE C 228 -34.97 -16.16 -11.13
C ILE C 228 -35.27 -15.03 -12.09
N LEU C 229 -34.64 -15.08 -13.25
CA LEU C 229 -34.72 -14.00 -14.21
C LEU C 229 -35.99 -14.06 -15.05
N ASN C 230 -37.12 -13.84 -14.39
CA ASN C 230 -38.42 -13.87 -15.06
C ASN C 230 -38.66 -12.54 -15.76
N ASN C 231 -37.87 -12.32 -16.80
CA ASN C 231 -37.87 -11.09 -17.56
C ASN C 231 -38.56 -11.26 -18.91
#